data_7PSI
#
_entry.id   7PSI
#
_cell.length_a   82.656
_cell.length_b   44.469
_cell.length_c   136.714
_cell.angle_alpha   90.000
_cell.angle_beta   97.610
_cell.angle_gamma   90.000
#
_symmetry.space_group_name_H-M   'I 1 2 1'
#
loop_
_entity.id
_entity.type
_entity.pdbx_description
1 polymer Beta-glucuronidase
2 non-polymer '(2R,3S,5R,6R)-2,3,4,5,6-pentakis(oxidanyl)cyclohexane-1-carboxylic acid'
3 non-polymer 'SULFATE ION'
4 water water
#
_entity_poly.entity_id   1
_entity_poly.type   'polypeptide(L)'
_entity_poly.pdbx_seq_one_letter_code
;MAFARGGLAQTASQTTSSPVRVGLSVDASALGHTIPPDYTGLSYEQAQMANPNYFSGANTQLAGFLRTLGRQGVLRIGGN
TSEYTFWNRHAKPTAADEHLAAGPDKGHHAAAREVITPEAVNNLSEFLDKTGWKLIYGLNLGKGTPENAADEAAYVMETI
GADRLLAFQLGNEPDLFYRNGIRPASYDFAAYAGDWQRFFTAIRKRVPNAPFAGPDTAYNTKWLVPFADKFKHDVKFISS
HYYAEGPPTDPSMTIERLMKPNPRLLGETAGLKQVEADTGLPFRLTETNSCYQGGKQGVSDTFAAALWAGDLMYQQAAAG
STGINFHGGGYGWYTPVAGTPEDGFIARPEYYGMLLFAQAGAGQLLGAKLTDNSAAPLLTAYALRGTDGRTRIALFNKNL
DADVEVAISGVASPSGTVLRLEAPRADDTTDVTFGGAPVGASGSWSPLVQEYVPGHSGQFVLHMRKASGALLEFA
;
_entity_poly.pdbx_strand_id   A
#
loop_
_chem_comp.id
_chem_comp.type
_chem_comp.name
_chem_comp.formula
8I4 saccharide '(2R,3S,5R,6R)-2,3,4,5,6-pentakis(oxidanyl)cyclohexane-1-carboxylic acid' 'C7 H12 O7'
SO4 non-polymer 'SULFATE ION' 'O4 S -2'
#
# COMPACT_ATOMS: atom_id res chain seq x y z
N SER A 18 -31.48 -9.17 13.36
CA SER A 18 -31.06 -10.59 13.66
C SER A 18 -29.56 -10.72 13.39
N PRO A 19 -28.74 -9.99 14.14
CA PRO A 19 -27.31 -10.09 13.93
C PRO A 19 -26.75 -11.42 14.43
N VAL A 20 -25.63 -11.84 13.87
CA VAL A 20 -24.84 -12.95 14.43
C VAL A 20 -24.14 -12.41 15.67
N ARG A 21 -24.35 -13.05 16.81
CA ARG A 21 -23.80 -12.55 18.09
C ARG A 21 -22.46 -13.25 18.28
N VAL A 22 -21.38 -12.46 18.22
CA VAL A 22 -19.99 -12.97 18.30
C VAL A 22 -19.34 -12.33 19.52
N GLY A 23 -18.34 -13.00 20.05
CA GLY A 23 -17.48 -12.46 21.12
C GLY A 23 -16.15 -12.03 20.55
N LEU A 24 -15.66 -10.95 21.12
CA LEU A 24 -14.30 -10.45 20.84
C LEU A 24 -13.64 -10.26 22.19
N SER A 25 -12.54 -10.96 22.40
CA SER A 25 -11.75 -10.88 23.64
C SER A 25 -10.41 -10.22 23.34
N VAL A 26 -10.19 -9.08 23.96
CA VAL A 26 -8.93 -8.33 23.79
C VAL A 26 -8.02 -8.79 24.90
N ASP A 27 -6.78 -9.08 24.57
CA ASP A 27 -5.78 -9.46 25.61
C ASP A 27 -4.60 -8.52 25.50
N ALA A 28 -4.50 -7.59 26.43
CA ALA A 28 -3.41 -6.60 26.51
C ALA A 28 -2.07 -7.27 26.77
N SER A 29 -2.05 -8.53 27.19
CA SER A 29 -0.78 -9.25 27.46
C SER A 29 -0.32 -10.05 26.25
N ALA A 30 -1.17 -10.15 25.22
CA ALA A 30 -0.83 -10.95 24.02
C ALA A 30 -0.20 -10.03 22.99
N LEU A 31 1.05 -9.71 23.13
CA LEU A 31 1.72 -8.64 22.36
C LEU A 31 2.03 -9.14 20.96
N GLY A 32 1.63 -8.35 19.99
CA GLY A 32 1.99 -8.58 18.58
C GLY A 32 3.00 -7.56 18.14
N HIS A 33 3.04 -7.34 16.85
CA HIS A 33 3.98 -6.38 16.24
C HIS A 33 3.61 -4.95 16.54
N THR A 34 4.62 -4.10 16.58
CA THR A 34 4.47 -2.65 16.70
C THR A 34 4.37 -2.12 15.28
N ILE A 35 3.32 -1.41 14.97
CA ILE A 35 3.09 -0.82 13.62
C ILE A 35 3.99 0.39 13.56
N PRO A 36 4.86 0.47 12.53
CA PRO A 36 5.73 1.65 12.41
C PRO A 36 4.94 2.83 11.91
N PRO A 37 5.39 4.06 12.19
CA PRO A 37 4.66 5.23 11.78
C PRO A 37 4.63 5.43 10.26
N ASP A 38 5.56 4.81 9.52
CA ASP A 38 5.59 4.95 8.06
C ASP A 38 5.08 3.68 7.39
N TYR A 39 4.17 2.98 8.05
CA TYR A 39 3.59 1.76 7.47
C TYR A 39 2.78 2.05 6.20
N THR A 40 1.98 3.09 6.20
CA THR A 40 1.11 3.31 5.04
C THR A 40 1.95 3.74 3.85
N GLY A 41 1.30 3.67 2.70
CA GLY A 41 1.99 4.10 1.50
C GLY A 41 1.19 3.87 0.25
N LEU A 42 1.74 4.40 -0.82
CA LEU A 42 1.11 4.33 -2.14
C LEU A 42 2.20 3.97 -3.13
N SER A 43 1.81 3.37 -4.22
CA SER A 43 2.69 3.05 -5.34
C SER A 43 2.09 3.70 -6.59
N TYR A 44 3.00 4.22 -7.40
CA TYR A 44 2.66 4.90 -8.67
C TYR A 44 3.63 4.44 -9.76
N GLU A 45 3.17 4.59 -10.98
CA GLU A 45 4.00 4.32 -12.15
C GLU A 45 5.10 5.35 -12.30
N GLN A 46 6.28 4.89 -12.64
CA GLN A 46 7.45 5.73 -12.95
C GLN A 46 7.08 6.70 -14.05
N ALA A 47 6.30 6.29 -15.02
CA ALA A 47 5.90 7.17 -16.13
C ALA A 47 5.35 8.47 -15.62
N GLN A 48 4.72 8.44 -14.46
CA GLN A 48 4.08 9.70 -13.99
C GLN A 48 5.11 10.79 -13.75
N MET A 49 6.34 10.43 -13.46
CA MET A 49 7.47 11.37 -13.28
C MET A 49 7.79 12.14 -14.55
N ALA A 50 7.27 11.76 -15.70
CA ALA A 50 7.42 12.57 -16.93
C ALA A 50 6.74 13.92 -16.73
N ASN A 51 5.73 14.01 -15.89
CA ASN A 51 4.92 15.23 -15.74
C ASN A 51 5.43 15.92 -14.49
N PRO A 52 6.22 17.00 -14.58
CA PRO A 52 6.73 17.64 -13.37
C PRO A 52 5.67 18.32 -12.50
N ASN A 53 4.44 18.42 -12.98
CA ASN A 53 3.35 19.04 -12.20
C ASN A 53 2.66 18.03 -11.28
N TYR A 54 2.97 16.75 -11.41
CA TYR A 54 2.22 15.71 -10.68
C TYR A 54 2.83 15.57 -9.27
N PHE A 55 4.04 15.03 -9.16
CA PHE A 55 4.73 14.99 -7.87
C PHE A 55 5.47 16.29 -7.72
N SER A 56 4.74 17.31 -7.30
CA SER A 56 5.24 18.68 -7.23
C SER A 56 4.77 19.33 -5.94
N GLY A 57 5.57 20.26 -5.42
CA GLY A 57 5.09 21.07 -4.29
C GLY A 57 3.88 21.91 -4.67
N ALA A 58 3.63 22.16 -5.93
CA ALA A 58 2.43 22.89 -6.38
C ALA A 58 1.18 22.01 -6.34
N ASN A 59 1.36 20.69 -6.25
CA ASN A 59 0.21 19.76 -6.25
C ASN A 59 -0.28 19.61 -4.82
N THR A 60 -0.87 20.67 -4.31
CA THR A 60 -1.36 20.76 -2.93
C THR A 60 -2.49 19.74 -2.72
N GLN A 61 -3.29 19.52 -3.74
CA GLN A 61 -4.42 18.57 -3.56
C GLN A 61 -3.87 17.19 -3.24
N LEU A 62 -3.04 16.69 -4.11
CA LEU A 62 -2.56 15.30 -3.89
C LEU A 62 -1.75 15.25 -2.57
N ALA A 63 -0.94 16.25 -2.29
CA ALA A 63 -0.18 16.24 -1.04
C ALA A 63 -1.13 16.13 0.15
N GLY A 64 -2.26 16.83 0.09
CA GLY A 64 -3.27 16.74 1.17
C GLY A 64 -3.85 15.35 1.32
N PHE A 65 -4.17 14.71 0.21
CA PHE A 65 -4.61 13.30 0.28
C PHE A 65 -3.58 12.44 0.97
N LEU A 66 -2.32 12.62 0.63
CA LEU A 66 -1.30 11.77 1.29
C LEU A 66 -1.21 12.08 2.78
N ARG A 67 -1.21 13.33 3.16
CA ARG A 67 -1.07 13.67 4.59
C ARG A 67 -2.23 13.05 5.37
N THR A 68 -3.42 13.02 4.81
CA THR A 68 -4.57 12.43 5.51
C THR A 68 -4.31 10.93 5.70
N LEU A 69 -3.70 10.26 4.74
CA LEU A 69 -3.39 8.81 4.90
C LEU A 69 -2.34 8.60 5.95
N GLY A 70 -1.44 9.53 6.17
CA GLY A 70 -0.50 9.39 7.27
C GLY A 70 0.44 10.57 7.33
N ARG A 71 0.78 10.95 8.54
CA ARG A 71 1.82 11.96 8.77
C ARG A 71 3.17 11.38 8.38
N GLN A 72 3.34 10.06 8.41
CA GLN A 72 4.49 9.37 7.82
C GLN A 72 3.94 8.29 6.91
N GLY A 73 4.73 7.93 5.94
CA GLY A 73 4.34 6.95 4.94
C GLY A 73 5.37 6.93 3.85
N VAL A 74 5.16 6.06 2.87
CA VAL A 74 6.13 5.91 1.79
C VAL A 74 5.43 6.01 0.45
N LEU A 75 6.01 6.83 -0.40
CA LEU A 75 5.63 6.90 -1.81
C LEU A 75 6.62 6.02 -2.57
N ARG A 76 6.10 4.99 -3.23
CA ARG A 76 6.91 4.14 -4.11
C ARG A 76 6.58 4.50 -5.53
N ILE A 77 7.62 4.70 -6.34
CA ILE A 77 7.49 4.97 -7.77
C ILE A 77 8.20 3.84 -8.49
N GLY A 78 7.51 3.18 -9.38
CA GLY A 78 8.08 2.04 -10.10
C GLY A 78 7.12 1.47 -11.08
N GLY A 79 6.78 0.20 -10.94
CA GLY A 79 5.78 -0.40 -11.81
C GLY A 79 6.33 -0.79 -13.14
N ASN A 80 5.45 -1.30 -13.96
CA ASN A 80 5.84 -1.80 -15.29
C ASN A 80 6.41 -0.67 -16.13
N THR A 81 5.97 0.56 -15.93
CA THR A 81 6.48 1.67 -16.73
C THR A 81 7.91 2.00 -16.36
N SER A 82 8.44 1.52 -15.27
CA SER A 82 9.86 1.79 -14.95
C SER A 82 10.77 1.13 -15.97
N GLU A 83 10.31 0.20 -16.80
CA GLU A 83 11.25 -0.34 -17.81
C GLU A 83 11.22 0.51 -19.09
N TYR A 84 10.34 1.47 -19.20
CA TYR A 84 10.10 2.28 -20.42
C TYR A 84 10.34 3.75 -20.14
N THR A 85 10.79 4.06 -18.95
CA THR A 85 10.98 5.43 -18.48
C THR A 85 12.48 5.69 -18.33
N PHE A 86 12.97 6.76 -18.92
CA PHE A 86 14.40 7.04 -19.08
C PHE A 86 14.71 8.41 -18.53
N TRP A 87 15.50 8.45 -17.49
CA TRP A 87 16.14 9.69 -16.98
C TRP A 87 17.03 10.27 -18.06
N ASN A 88 16.88 11.57 -18.28
CA ASN A 88 17.76 12.31 -19.19
C ASN A 88 18.16 13.59 -18.48
N ARG A 89 19.38 13.63 -17.99
CA ARG A 89 19.90 14.84 -17.32
C ARG A 89 19.90 16.02 -18.30
N HIS A 90 19.94 15.70 -19.59
CA HIS A 90 20.03 16.66 -20.72
C HIS A 90 18.68 17.24 -21.08
N ALA A 91 17.56 16.74 -20.53
CA ALA A 91 16.22 17.07 -21.02
C ALA A 91 15.44 18.08 -20.15
N LYS A 92 14.41 18.65 -20.76
CA LYS A 92 13.39 19.49 -20.09
C LYS A 92 12.03 18.91 -20.43
N PRO A 93 11.01 19.07 -19.54
CA PRO A 93 9.70 18.48 -19.84
C PRO A 93 9.13 19.04 -21.16
N THR A 94 8.47 18.18 -21.92
CA THR A 94 7.76 18.55 -23.17
C THR A 94 6.40 19.12 -22.79
N ALA A 95 5.73 19.78 -23.74
CA ALA A 95 4.32 20.23 -23.60
C ALA A 95 3.41 19.04 -23.27
N ALA A 96 3.58 17.87 -23.91
CA ALA A 96 2.72 16.68 -23.64
C ALA A 96 2.98 16.19 -22.21
N ASP A 97 4.20 16.31 -21.75
CA ASP A 97 4.59 15.82 -20.41
C ASP A 97 3.78 16.60 -19.38
N GLU A 98 3.50 17.87 -19.64
CA GLU A 98 2.86 18.74 -18.63
C GLU A 98 1.43 18.26 -18.32
N HIS A 99 0.81 17.43 -19.14
CA HIS A 99 -0.58 16.96 -18.93
C HIS A 99 -0.63 15.44 -18.77
N LEU A 100 0.53 14.78 -18.68
CA LEU A 100 0.51 13.30 -18.66
C LEU A 100 -0.12 12.86 -17.33
N ALA A 101 -1.09 11.94 -17.44
CA ALA A 101 -1.75 11.22 -16.33
C ALA A 101 -1.50 9.73 -16.49
N ALA A 102 -0.53 9.16 -15.77
CA ALA A 102 -0.09 7.77 -15.97
C ALA A 102 -0.73 6.91 -14.88
N GLY A 103 -1.80 6.26 -15.24
CA GLY A 103 -2.46 5.32 -14.35
C GLY A 103 -1.69 4.01 -14.32
N PRO A 104 -2.17 3.06 -13.52
CA PRO A 104 -1.54 1.74 -13.47
C PRO A 104 -1.42 1.17 -14.87
N ASP A 105 -0.26 0.60 -15.17
CA ASP A 105 0.02 -0.08 -16.44
C ASP A 105 -0.93 -1.26 -16.60
N LYS A 106 -1.52 -1.43 -17.78
CA LYS A 106 -2.55 -2.48 -17.93
C LYS A 106 -1.94 -3.79 -18.46
N GLY A 107 -0.61 -3.87 -18.64
CA GLY A 107 0.15 -5.12 -18.85
C GLY A 107 -0.11 -5.79 -20.19
N HIS A 108 -0.82 -5.12 -21.11
CA HIS A 108 -1.32 -5.69 -22.40
C HIS A 108 -0.16 -5.73 -23.40
N HIS A 109 0.72 -4.73 -23.34
CA HIS A 109 1.80 -4.49 -24.33
C HIS A 109 2.77 -3.49 -23.71
N ALA A 110 3.82 -3.15 -24.45
CA ALA A 110 4.84 -2.17 -24.05
C ALA A 110 4.16 -0.86 -23.65
N ALA A 111 4.55 -0.27 -22.53
CA ALA A 111 4.23 1.16 -22.23
C ALA A 111 4.92 2.07 -23.25
N ALA A 112 4.42 3.28 -23.48
CA ALA A 112 5.12 4.35 -24.23
C ALA A 112 6.45 4.71 -23.56
N ARG A 113 7.45 5.06 -24.36
CA ARG A 113 8.72 5.59 -23.82
C ARG A 113 8.45 6.93 -23.13
N GLU A 114 8.97 7.14 -21.94
CA GLU A 114 8.86 8.45 -21.27
C GLU A 114 10.21 8.87 -20.74
N VAL A 115 10.33 10.15 -20.48
CA VAL A 115 11.60 10.77 -20.05
C VAL A 115 11.39 11.45 -18.72
N ILE A 116 12.29 11.20 -17.79
CA ILE A 116 12.36 11.93 -16.50
C ILE A 116 13.46 12.97 -16.60
N THR A 117 13.12 14.18 -16.18
CA THR A 117 14.02 15.35 -16.25
C THR A 117 14.47 15.75 -14.86
N PRO A 118 15.55 16.54 -14.78
CA PRO A 118 15.93 17.13 -13.51
C PRO A 118 14.78 17.88 -12.85
N GLU A 119 14.03 18.62 -13.65
CA GLU A 119 12.92 19.43 -13.09
C GLU A 119 11.94 18.52 -12.36
N ALA A 120 11.64 17.36 -12.95
CA ALA A 120 10.66 16.45 -12.30
C ALA A 120 11.23 15.94 -10.99
N VAL A 121 12.52 15.64 -10.93
CA VAL A 121 13.13 15.15 -9.67
C VAL A 121 13.13 16.27 -8.63
N ASN A 122 13.41 17.49 -9.08
CA ASN A 122 13.44 18.67 -8.19
C ASN A 122 12.04 18.82 -7.58
N ASN A 123 11.03 18.71 -8.43
CA ASN A 123 9.63 18.89 -7.97
C ASN A 123 9.22 17.74 -7.04
N LEU A 124 9.69 16.53 -7.33
CA LEU A 124 9.39 15.39 -6.45
C LEU A 124 9.95 15.65 -5.06
N SER A 125 11.11 16.25 -4.95
CA SER A 125 11.69 16.56 -3.63
C SER A 125 10.78 17.51 -2.87
N GLU A 126 10.24 18.51 -3.56
CA GLU A 126 9.33 19.48 -2.89
C GLU A 126 8.04 18.77 -2.48
N PHE A 127 7.57 17.86 -3.31
CA PHE A 127 6.35 17.08 -2.97
C PHE A 127 6.61 16.25 -1.72
N LEU A 128 7.73 15.60 -1.58
CA LEU A 128 8.08 14.80 -0.39
C LEU A 128 8.19 15.72 0.80
N ASP A 129 8.69 16.94 0.62
CA ASP A 129 8.81 17.86 1.78
C ASP A 129 7.42 18.24 2.25
N LYS A 130 6.48 18.45 1.35
CA LYS A 130 5.09 18.89 1.68
C LYS A 130 4.32 17.76 2.37
N THR A 131 4.62 16.51 2.04
CA THR A 131 3.84 15.37 2.53
C THR A 131 4.51 14.82 3.77
N GLY A 132 5.81 14.90 3.88
CA GLY A 132 6.59 14.21 4.91
C GLY A 132 6.77 12.73 4.64
N TRP A 133 6.44 12.25 3.46
CA TRP A 133 6.60 10.82 3.15
C TRP A 133 8.02 10.57 2.65
N LYS A 134 8.45 9.33 2.75
CA LYS A 134 9.74 8.86 2.22
C LYS A 134 9.51 8.23 0.87
N LEU A 135 10.60 7.96 0.17
CA LEU A 135 10.52 7.57 -1.25
C LEU A 135 11.21 6.24 -1.50
N ILE A 136 10.53 5.37 -2.25
CA ILE A 136 11.18 4.21 -2.92
C ILE A 136 11.13 4.51 -4.39
N TYR A 137 12.27 4.51 -5.05
CA TYR A 137 12.41 5.03 -6.42
C TYR A 137 12.96 3.96 -7.34
N GLY A 138 12.19 3.66 -8.37
CA GLY A 138 12.60 2.63 -9.33
C GLY A 138 13.63 3.15 -10.30
N LEU A 139 14.59 2.32 -10.62
CA LEU A 139 15.57 2.60 -11.70
C LEU A 139 15.36 1.59 -12.81
N ASN A 140 15.83 1.93 -13.98
CA ASN A 140 15.43 1.22 -15.22
C ASN A 140 16.46 0.14 -15.50
N LEU A 141 16.29 -1.03 -14.92
CA LEU A 141 17.14 -2.19 -15.20
C LEU A 141 16.59 -2.97 -16.37
N GLY A 142 15.31 -2.87 -16.67
CA GLY A 142 14.76 -3.63 -17.81
C GLY A 142 15.38 -3.16 -19.10
N LYS A 143 15.44 -1.88 -19.36
CA LYS A 143 15.93 -1.42 -20.69
C LYS A 143 17.04 -0.38 -20.58
N GLY A 144 17.32 0.14 -19.40
CA GLY A 144 18.30 1.24 -19.31
C GLY A 144 19.68 0.72 -19.11
N THR A 145 20.61 1.63 -19.00
CA THR A 145 22.02 1.28 -18.75
C THR A 145 22.39 1.42 -17.30
N PRO A 146 23.40 0.69 -16.83
CA PRO A 146 23.93 0.91 -15.50
C PRO A 146 24.41 2.34 -15.27
N GLU A 147 25.05 2.93 -16.25
CA GLU A 147 25.58 4.31 -16.12
C GLU A 147 24.45 5.32 -15.99
N ASN A 148 23.38 5.15 -16.77
CA ASN A 148 22.23 6.08 -16.62
C ASN A 148 21.50 5.87 -15.30
N ALA A 149 21.46 4.63 -14.81
CA ALA A 149 20.84 4.38 -13.49
C ALA A 149 21.70 5.05 -12.42
N ALA A 150 23.00 4.99 -12.58
CA ALA A 150 23.91 5.63 -11.61
C ALA A 150 23.70 7.13 -11.64
N ASP A 151 23.50 7.69 -12.83
CA ASP A 151 23.36 9.15 -12.96
C ASP A 151 22.02 9.58 -12.37
N GLU A 152 20.98 8.80 -12.64
CA GLU A 152 19.64 9.05 -12.10
C GLU A 152 19.67 8.95 -10.57
N ALA A 153 20.24 7.88 -10.08
CA ALA A 153 20.36 7.71 -8.62
C ALA A 153 21.11 8.88 -8.03
N ALA A 154 22.18 9.31 -8.66
CA ALA A 154 22.99 10.41 -8.12
C ALA A 154 22.13 11.66 -8.04
N TYR A 155 21.34 11.94 -9.04
CA TYR A 155 20.57 13.17 -9.01
C TYR A 155 19.45 13.06 -7.97
N VAL A 156 18.83 11.89 -7.86
CA VAL A 156 17.82 11.69 -6.81
C VAL A 156 18.49 11.88 -5.46
N MET A 157 19.63 11.28 -5.20
CA MET A 157 20.32 11.45 -3.90
C MET A 157 20.64 12.92 -3.69
N GLU A 158 21.11 13.62 -4.72
CA GLU A 158 21.52 15.02 -4.61
C GLU A 158 20.33 15.88 -4.17
N THR A 159 19.14 15.57 -4.70
N THR A 159 19.14 15.63 -4.70
CA THR A 159 17.95 16.44 -4.72
CA THR A 159 18.03 16.57 -4.45
C THR A 159 16.94 16.07 -3.62
C THR A 159 17.10 16.05 -3.36
N ILE A 160 16.78 14.78 -3.38
CA ILE A 160 15.82 14.24 -2.39
C ILE A 160 16.57 14.01 -1.09
N GLY A 161 17.77 13.47 -1.12
CA GLY A 161 18.55 13.40 0.12
C GLY A 161 18.36 12.07 0.81
N ALA A 162 19.33 11.69 1.60
CA ALA A 162 19.40 10.35 2.20
C ALA A 162 18.27 10.19 3.23
N ASP A 163 17.83 11.25 3.88
CA ASP A 163 16.78 11.11 4.92
C ASP A 163 15.45 10.69 4.29
N ARG A 164 15.10 11.24 3.13
CA ARG A 164 13.79 10.99 2.49
C ARG A 164 13.89 9.81 1.54
N LEU A 165 15.07 9.46 1.05
CA LEU A 165 15.18 8.33 0.11
C LEU A 165 15.35 7.05 0.90
N LEU A 166 14.34 6.20 0.88
CA LEU A 166 14.37 4.92 1.60
C LEU A 166 15.12 3.89 0.79
N ALA A 167 14.82 3.75 -0.49
CA ALA A 167 15.49 2.73 -1.31
C ALA A 167 15.32 3.02 -2.77
N PHE A 168 16.34 2.66 -3.53
CA PHE A 168 16.21 2.44 -4.97
C PHE A 168 15.86 1.00 -5.22
N GLN A 169 15.15 0.76 -6.30
CA GLN A 169 14.88 -0.61 -6.75
C GLN A 169 15.38 -0.78 -8.17
N LEU A 170 15.94 -1.92 -8.46
CA LEU A 170 16.55 -2.18 -9.78
C LEU A 170 15.65 -3.13 -10.52
N GLY A 171 14.67 -2.57 -11.21
CA GLY A 171 13.69 -3.33 -11.98
C GLY A 171 12.49 -3.64 -11.13
N ASN A 172 11.39 -3.68 -11.81
CA ASN A 172 10.06 -4.05 -11.27
C ASN A 172 9.74 -5.43 -11.81
N GLU A 173 9.39 -6.36 -10.92
CA GLU A 173 8.93 -7.69 -11.33
C GLU A 173 9.82 -8.27 -12.42
N PRO A 174 11.11 -8.47 -12.12
CA PRO A 174 12.04 -9.00 -13.13
C PRO A 174 11.68 -10.43 -13.56
N ASP A 175 10.97 -11.16 -12.73
CA ASP A 175 10.49 -12.52 -13.07
C ASP A 175 9.45 -12.46 -14.16
N LEU A 176 8.89 -11.29 -14.46
CA LEU A 176 7.88 -11.17 -15.53
C LEU A 176 8.41 -10.34 -16.69
N PHE A 177 9.71 -10.06 -16.73
CA PHE A 177 10.28 -9.30 -17.87
C PHE A 177 9.99 -10.02 -19.19
N TYR A 178 10.04 -11.33 -19.18
CA TYR A 178 9.80 -12.10 -20.43
C TYR A 178 8.40 -11.82 -21.00
N ARG A 179 7.43 -11.37 -20.19
CA ARG A 179 6.02 -11.33 -20.66
C ARG A 179 5.87 -10.40 -21.87
N ASN A 180 6.59 -9.28 -21.94
CA ASN A 180 6.44 -8.31 -23.06
C ASN A 180 7.82 -8.10 -23.71
N GLY A 181 8.68 -9.09 -23.59
CA GLY A 181 9.93 -9.10 -24.36
C GLY A 181 10.93 -8.14 -23.78
N ILE A 182 10.82 -7.77 -22.49
CA ILE A 182 11.94 -7.02 -21.84
C ILE A 182 13.16 -7.93 -21.69
N ARG A 183 12.94 -9.22 -21.53
CA ARG A 183 14.01 -10.22 -21.57
C ARG A 183 13.45 -11.40 -22.33
N PRO A 184 14.37 -12.28 -22.78
CA PRO A 184 13.98 -13.55 -23.37
C PRO A 184 13.41 -14.46 -22.27
N ALA A 185 12.67 -15.47 -22.73
CA ALA A 185 12.03 -16.45 -21.82
C ALA A 185 13.06 -17.17 -20.96
N SER A 186 14.33 -17.21 -21.36
CA SER A 186 15.39 -17.89 -20.58
C SER A 186 15.84 -17.07 -19.35
N TYR A 187 15.45 -15.81 -19.28
CA TYR A 187 15.88 -14.94 -18.18
C TYR A 187 15.47 -15.60 -16.87
N ASP A 188 16.42 -15.75 -16.01
CA ASP A 188 16.22 -16.43 -14.72
C ASP A 188 16.94 -15.66 -13.63
N PHE A 189 16.98 -16.21 -12.44
CA PHE A 189 17.56 -15.51 -11.29
C PHE A 189 19.02 -15.23 -11.58
N ALA A 190 19.74 -16.21 -12.09
CA ALA A 190 21.17 -16.03 -12.37
C ALA A 190 21.37 -14.84 -13.32
N ALA A 191 20.57 -14.73 -14.36
CA ALA A 191 20.72 -13.61 -15.30
C ALA A 191 20.39 -12.28 -14.62
N TYR A 192 19.35 -12.29 -13.82
CA TYR A 192 18.94 -11.08 -13.09
C TYR A 192 19.95 -10.73 -12.03
N ALA A 193 20.52 -11.68 -11.32
CA ALA A 193 21.55 -11.36 -10.32
C ALA A 193 22.73 -10.66 -11.01
N GLY A 194 23.11 -11.12 -12.19
CA GLY A 194 24.21 -10.49 -12.93
C GLY A 194 23.84 -9.05 -13.26
N ASP A 195 22.62 -8.84 -13.77
CA ASP A 195 22.17 -7.48 -14.07
C ASP A 195 22.20 -6.62 -12.80
N TRP A 196 21.59 -7.14 -11.74
CA TRP A 196 21.43 -6.38 -10.49
C TRP A 196 22.81 -5.98 -9.99
N GLN A 197 23.75 -6.90 -10.02
CA GLN A 197 25.09 -6.58 -9.49
C GLN A 197 25.74 -5.54 -10.39
N ARG A 198 25.56 -5.63 -11.70
CA ARG A 198 26.21 -4.62 -12.56
C ARG A 198 25.62 -3.24 -12.27
N PHE A 199 24.31 -3.18 -12.08
CA PHE A 199 23.67 -1.88 -11.80
C PHE A 199 24.10 -1.39 -10.41
N PHE A 200 24.07 -2.27 -9.41
CA PHE A 200 24.42 -1.91 -8.03
C PHE A 200 25.83 -1.32 -8.05
N THR A 201 26.76 -2.02 -8.71
CA THR A 201 28.19 -1.57 -8.68
C THR A 201 28.27 -0.18 -9.32
N ALA A 202 27.62 0.03 -10.46
CA ALA A 202 27.67 1.31 -11.16
C ALA A 202 27.08 2.40 -10.29
N ILE A 203 25.94 2.13 -9.67
CA ILE A 203 25.26 3.14 -8.85
C ILE A 203 26.15 3.47 -7.65
N ARG A 204 26.70 2.48 -6.95
CA ARG A 204 27.48 2.76 -5.73
C ARG A 204 28.72 3.58 -6.08
N LYS A 205 29.24 3.51 -7.28
CA LYS A 205 30.37 4.39 -7.67
C LYS A 205 29.93 5.85 -7.64
N ARG A 206 28.74 6.18 -8.10
CA ARG A 206 28.24 7.57 -8.08
C ARG A 206 27.63 7.92 -6.74
N VAL A 207 27.18 6.96 -5.98
CA VAL A 207 26.30 7.23 -4.80
C VAL A 207 26.69 6.17 -3.77
N PRO A 208 27.80 6.36 -3.02
CA PRO A 208 28.34 5.30 -2.17
C PRO A 208 27.36 4.84 -1.08
N ASN A 209 26.46 5.72 -0.70
CA ASN A 209 25.46 5.48 0.37
C ASN A 209 24.11 5.07 -0.25
N ALA A 210 24.05 4.72 -1.52
CA ALA A 210 22.74 4.42 -2.14
C ALA A 210 22.11 3.23 -1.42
N PRO A 211 20.87 3.35 -0.94
CA PRO A 211 20.16 2.22 -0.37
C PRO A 211 19.36 1.51 -1.44
N PHE A 212 19.23 0.20 -1.27
CA PHE A 212 18.46 -0.64 -2.22
C PHE A 212 17.41 -1.47 -1.50
N ALA A 213 16.42 -1.86 -2.26
CA ALA A 213 15.44 -2.90 -1.88
C ALA A 213 15.19 -3.72 -3.11
N GLY A 214 14.77 -4.94 -2.92
CA GLY A 214 14.35 -5.77 -4.04
C GLY A 214 13.80 -7.07 -3.50
N PRO A 215 13.34 -7.97 -4.38
CA PRO A 215 13.45 -7.89 -5.84
C PRO A 215 12.24 -7.24 -6.49
N ASP A 216 11.29 -6.72 -5.69
CA ASP A 216 10.14 -5.99 -6.25
C ASP A 216 9.29 -6.93 -7.09
N THR A 217 8.97 -8.05 -6.49
CA THR A 217 8.01 -8.97 -7.10
C THR A 217 7.29 -9.73 -6.03
N ALA A 218 6.29 -10.48 -6.47
CA ALA A 218 5.58 -11.34 -5.54
C ALA A 218 6.53 -12.43 -5.04
N TYR A 219 6.38 -12.83 -3.80
CA TYR A 219 7.12 -13.91 -3.16
C TYR A 219 7.09 -15.10 -4.11
N ASN A 220 8.28 -15.67 -4.32
CA ASN A 220 8.41 -16.95 -5.07
C ASN A 220 9.75 -17.55 -4.69
N THR A 221 9.90 -18.82 -5.00
CA THR A 221 11.09 -19.58 -4.62
C THR A 221 12.21 -19.41 -5.63
N LYS A 222 11.90 -19.08 -6.87
CA LYS A 222 12.99 -19.06 -7.90
C LYS A 222 13.58 -17.68 -8.03
N TRP A 223 13.01 -16.66 -7.41
CA TRP A 223 13.50 -15.27 -7.53
C TRP A 223 13.70 -14.63 -6.17
N LEU A 224 12.63 -14.53 -5.38
CA LEU A 224 12.73 -13.68 -4.18
C LEU A 224 13.64 -14.35 -3.15
N VAL A 225 13.45 -15.65 -2.92
CA VAL A 225 14.28 -16.37 -1.92
C VAL A 225 15.75 -16.25 -2.28
N PRO A 226 16.19 -16.61 -3.51
CA PRO A 226 17.60 -16.50 -3.80
C PRO A 226 18.12 -15.06 -3.84
N PHE A 227 17.25 -14.14 -4.19
CA PHE A 227 17.65 -12.72 -4.14
C PHE A 227 18.08 -12.35 -2.72
N ALA A 228 17.24 -12.72 -1.76
CA ALA A 228 17.53 -12.37 -0.36
C ALA A 228 18.83 -13.00 0.09
N ASP A 229 19.03 -14.25 -0.31
CA ASP A 229 20.25 -14.98 0.12
C ASP A 229 21.49 -14.31 -0.46
N LYS A 230 21.43 -13.92 -1.72
CA LYS A 230 22.62 -13.43 -2.45
C LYS A 230 22.90 -11.98 -2.09
N PHE A 231 21.86 -11.17 -1.94
CA PHE A 231 22.04 -9.71 -1.81
C PHE A 231 21.66 -9.19 -0.43
N LYS A 232 21.66 -10.04 0.59
CA LYS A 232 21.23 -9.58 1.92
C LYS A 232 22.12 -8.48 2.48
N HIS A 233 23.41 -8.39 2.14
CA HIS A 233 24.26 -7.31 2.66
C HIS A 233 24.14 -6.05 1.80
N ASP A 234 23.47 -6.13 0.67
CA ASP A 234 23.43 -5.03 -0.32
C ASP A 234 22.08 -4.34 -0.29
N VAL A 235 21.09 -4.88 0.40
CA VAL A 235 19.74 -4.26 0.43
C VAL A 235 19.32 -3.97 1.85
N LYS A 236 18.44 -3.02 2.01
CA LYS A 236 17.91 -2.65 3.34
C LYS A 236 16.72 -3.52 3.71
N PHE A 237 15.93 -3.95 2.75
CA PHE A 237 14.70 -4.71 3.00
C PHE A 237 14.31 -5.42 1.71
N ILE A 238 13.45 -6.39 1.89
CA ILE A 238 12.82 -7.14 0.79
C ILE A 238 11.55 -6.42 0.41
N SER A 239 11.35 -6.22 -0.88
N SER A 239 11.34 -6.27 -0.89
CA SER A 239 10.15 -5.63 -1.48
CA SER A 239 10.20 -5.61 -1.53
C SER A 239 9.40 -6.71 -2.22
C SER A 239 9.40 -6.69 -2.25
N SER A 240 8.17 -6.91 -1.81
CA SER A 240 7.26 -7.93 -2.35
C SER A 240 6.04 -7.24 -2.94
N HIS A 241 5.36 -7.95 -3.81
CA HIS A 241 4.10 -7.51 -4.43
C HIS A 241 3.00 -8.48 -4.06
N TYR A 242 1.77 -8.05 -4.06
CA TYR A 242 0.63 -8.93 -3.80
C TYR A 242 -0.60 -8.35 -4.44
N TYR A 243 -1.30 -9.15 -5.21
CA TYR A 243 -2.64 -8.86 -5.72
C TYR A 243 -3.56 -9.96 -5.28
N ALA A 244 -4.74 -9.60 -4.84
CA ALA A 244 -5.73 -10.60 -4.36
C ALA A 244 -6.14 -11.50 -5.51
N GLU A 245 -6.28 -10.93 -6.69
CA GLU A 245 -6.58 -11.70 -7.91
C GLU A 245 -5.40 -12.65 -8.16
N GLY A 246 -5.72 -13.91 -8.45
CA GLY A 246 -4.65 -14.85 -8.84
C GLY A 246 -4.37 -14.78 -10.33
N PRO A 247 -3.83 -15.88 -10.92
CA PRO A 247 -3.59 -15.96 -12.35
C PRO A 247 -4.89 -15.90 -13.15
N PRO A 248 -4.83 -15.58 -14.47
CA PRO A 248 -6.03 -15.24 -15.23
C PRO A 248 -6.89 -16.47 -15.47
N THR A 249 -6.37 -17.66 -15.15
CA THR A 249 -7.13 -18.92 -15.24
C THR A 249 -8.11 -19.07 -14.05
N ASP A 250 -8.00 -18.21 -13.04
CA ASP A 250 -8.94 -18.24 -11.88
C ASP A 250 -10.27 -17.73 -12.34
N PRO A 251 -11.37 -18.05 -11.60
CA PRO A 251 -12.69 -17.45 -11.85
C PRO A 251 -12.55 -15.94 -11.69
N SER A 252 -13.24 -15.11 -12.49
CA SER A 252 -13.00 -13.65 -12.39
C SER A 252 -13.21 -13.25 -10.92
N MET A 253 -12.23 -12.57 -10.33
CA MET A 253 -12.32 -12.02 -8.94
C MET A 253 -13.70 -11.35 -8.82
N THR A 254 -14.34 -11.58 -7.69
CA THR A 254 -15.64 -10.99 -7.37
C THR A 254 -15.49 -10.36 -6.01
N ILE A 255 -16.46 -9.54 -5.66
CA ILE A 255 -16.50 -8.97 -4.29
C ILE A 255 -16.56 -10.11 -3.27
N GLU A 256 -17.39 -11.12 -3.52
CA GLU A 256 -17.52 -12.25 -2.58
C GLU A 256 -16.15 -12.86 -2.30
N ARG A 257 -15.37 -13.11 -3.35
CA ARG A 257 -14.04 -13.73 -3.19
C ARG A 257 -13.10 -12.76 -2.51
N LEU A 258 -13.18 -11.49 -2.84
CA LEU A 258 -12.24 -10.50 -2.25
C LEU A 258 -12.38 -10.44 -0.74
N MET A 259 -13.58 -10.69 -0.20
CA MET A 259 -13.82 -10.62 1.25
C MET A 259 -13.26 -11.85 1.97
N LYS A 260 -12.93 -12.91 1.25
CA LYS A 260 -12.52 -14.20 1.88
C LYS A 260 -11.04 -14.23 2.14
N PRO A 261 -10.56 -15.10 3.05
CA PRO A 261 -9.14 -15.27 3.21
C PRO A 261 -8.52 -15.71 1.89
N ASN A 262 -7.26 -15.37 1.73
CA ASN A 262 -6.50 -15.70 0.53
C ASN A 262 -5.35 -16.58 0.94
N PRO A 263 -5.44 -17.92 0.72
CA PRO A 263 -4.38 -18.79 1.22
C PRO A 263 -3.03 -18.50 0.57
N ARG A 264 -3.02 -17.97 -0.62
CA ARG A 264 -1.75 -17.59 -1.28
C ARG A 264 -1.10 -16.48 -0.46
N LEU A 265 -1.86 -15.50 -0.02
CA LEU A 265 -1.34 -14.39 0.78
C LEU A 265 -0.72 -14.96 2.06
N LEU A 266 -1.43 -15.85 2.74
CA LEU A 266 -0.93 -16.38 4.01
C LEU A 266 0.39 -17.12 3.76
N GLY A 267 0.48 -17.87 2.69
CA GLY A 267 1.69 -18.65 2.38
C GLY A 267 2.86 -17.75 2.01
N GLU A 268 2.60 -16.76 1.17
CA GLU A 268 3.70 -15.85 0.76
C GLU A 268 4.17 -15.05 1.95
N THR A 269 3.25 -14.64 2.80
CA THR A 269 3.64 -13.89 4.00
C THR A 269 4.54 -14.76 4.90
N ALA A 270 4.15 -16.01 5.10
CA ALA A 270 5.02 -16.94 5.84
C ALA A 270 6.37 -17.05 5.15
N GLY A 271 6.38 -17.10 3.84
CA GLY A 271 7.63 -17.18 3.09
C GLY A 271 8.50 -15.98 3.42
N LEU A 272 7.91 -14.78 3.42
CA LEU A 272 8.67 -13.53 3.72
C LEU A 272 9.18 -13.53 5.15
N LYS A 273 8.38 -14.02 6.07
CA LYS A 273 8.84 -14.14 7.46
C LYS A 273 10.03 -15.09 7.56
N GLN A 274 10.03 -16.17 6.81
CA GLN A 274 11.18 -17.11 6.83
C GLN A 274 12.40 -16.46 6.19
N VAL A 275 12.20 -15.70 5.13
CA VAL A 275 13.33 -14.93 4.57
C VAL A 275 13.89 -13.98 5.62
N GLU A 276 13.02 -13.27 6.35
CA GLU A 276 13.51 -12.34 7.38
C GLU A 276 14.29 -13.11 8.44
N ALA A 277 13.78 -14.26 8.85
CA ALA A 277 14.51 -15.06 9.86
C ALA A 277 15.87 -15.50 9.33
N ASP A 278 15.96 -15.87 8.07
CA ASP A 278 17.19 -16.43 7.45
C ASP A 278 18.20 -15.33 7.20
N THR A 279 17.74 -14.15 6.80
CA THR A 279 18.65 -13.11 6.25
C THR A 279 18.69 -11.87 7.11
N GLY A 280 17.77 -11.68 8.05
CA GLY A 280 17.63 -10.44 8.81
C GLY A 280 16.88 -9.35 8.07
N LEU A 281 16.47 -9.56 6.83
CA LEU A 281 15.84 -8.48 6.03
C LEU A 281 14.36 -8.42 6.36
N PRO A 282 13.87 -7.23 6.74
CA PRO A 282 12.44 -7.03 6.87
C PRO A 282 11.79 -6.95 5.50
N PHE A 283 10.47 -6.99 5.48
CA PHE A 283 9.77 -6.98 4.19
C PHE A 283 8.78 -5.84 4.17
N ARG A 284 8.54 -5.28 3.00
CA ARG A 284 7.51 -4.28 2.74
C ARG A 284 6.77 -4.74 1.52
N LEU A 285 5.47 -4.51 1.49
CA LEU A 285 4.62 -4.84 0.34
C LEU A 285 4.55 -3.61 -0.55
N THR A 286 5.45 -3.54 -1.51
CA THR A 286 5.68 -2.28 -2.26
C THR A 286 4.77 -2.10 -3.47
N GLU A 287 3.99 -3.10 -3.85
CA GLU A 287 2.95 -2.91 -4.87
CA GLU A 287 2.96 -2.94 -4.92
C GLU A 287 1.83 -3.88 -4.55
N THR A 288 0.67 -3.35 -4.22
CA THR A 288 -0.49 -4.20 -3.95
C THR A 288 -1.72 -3.52 -4.47
N ASN A 289 -2.66 -4.33 -4.92
CA ASN A 289 -4.06 -3.89 -5.03
C ASN A 289 -4.90 -5.10 -5.27
N SER A 290 -6.17 -4.88 -5.48
CA SER A 290 -7.17 -5.96 -5.48
C SER A 290 -7.02 -6.84 -6.73
N CYS A 291 -6.98 -6.22 -7.89
CA CYS A 291 -7.06 -6.90 -9.19
C CYS A 291 -6.02 -6.29 -10.11
N TYR A 292 -5.56 -7.08 -11.07
CA TYR A 292 -4.53 -6.66 -12.04
C TYR A 292 -5.07 -5.72 -13.08
N GLN A 293 -4.10 -5.24 -13.86
CA GLN A 293 -4.36 -4.42 -15.05
C GLN A 293 -5.06 -3.13 -14.66
N GLY A 294 -4.77 -2.57 -13.50
CA GLY A 294 -5.36 -1.32 -13.05
C GLY A 294 -6.68 -1.56 -12.33
N GLY A 295 -7.10 -2.83 -12.21
CA GLY A 295 -8.27 -3.19 -11.43
C GLY A 295 -9.40 -3.66 -12.29
N LYS A 296 -10.42 -4.14 -11.61
CA LYS A 296 -11.62 -4.68 -12.28
C LYS A 296 -12.79 -3.79 -11.92
N GLN A 297 -13.44 -3.19 -12.91
CA GLN A 297 -14.62 -2.37 -12.65
C GLN A 297 -15.68 -3.22 -11.98
N GLY A 298 -16.30 -2.69 -10.92
CA GLY A 298 -17.33 -3.37 -10.15
C GLY A 298 -16.77 -4.18 -9.02
N VAL A 299 -15.44 -4.22 -8.87
CA VAL A 299 -14.78 -4.86 -7.71
C VAL A 299 -13.81 -3.87 -7.12
N SER A 300 -12.81 -3.49 -7.91
CA SER A 300 -11.68 -2.68 -7.39
C SER A 300 -12.10 -1.27 -7.01
N ASP A 301 -13.09 -0.74 -7.69
CA ASP A 301 -13.52 0.66 -7.53
C ASP A 301 -14.73 0.74 -6.58
N THR A 302 -14.92 -0.25 -5.74
CA THR A 302 -16.10 -0.33 -4.89
C THR A 302 -15.74 -0.25 -3.42
N PHE A 303 -16.79 -0.05 -2.62
CA PHE A 303 -16.67 0.00 -1.18
C PHE A 303 -16.04 -1.29 -0.69
N ALA A 304 -16.29 -2.42 -1.31
CA ALA A 304 -15.67 -3.68 -0.84
C ALA A 304 -14.16 -3.50 -0.83
N ALA A 305 -13.59 -2.73 -1.72
CA ALA A 305 -12.13 -2.52 -1.74
C ALA A 305 -11.67 -1.76 -0.51
N ALA A 306 -12.50 -0.90 0.09
CA ALA A 306 -12.15 -0.22 1.34
C ALA A 306 -11.98 -1.28 2.44
N LEU A 307 -12.98 -2.14 2.56
CA LEU A 307 -12.91 -3.21 3.59
C LEU A 307 -11.70 -4.10 3.33
N TRP A 308 -11.49 -4.49 2.09
CA TRP A 308 -10.36 -5.36 1.73
C TRP A 308 -9.05 -4.66 2.09
N ALA A 309 -8.89 -3.41 1.69
CA ALA A 309 -7.59 -2.72 1.83
C ALA A 309 -7.33 -2.47 3.30
N GLY A 310 -8.33 -2.00 4.04
CA GLY A 310 -8.12 -1.69 5.47
C GLY A 310 -7.74 -2.99 6.19
N ASP A 311 -8.49 -4.06 5.93
CA ASP A 311 -8.20 -5.35 6.58
C ASP A 311 -6.83 -5.85 6.16
N LEU A 312 -6.45 -5.69 4.91
CA LEU A 312 -5.14 -6.16 4.46
C LEU A 312 -4.03 -5.40 5.20
N MET A 313 -4.18 -4.09 5.36
CA MET A 313 -3.14 -3.33 6.08
C MET A 313 -2.91 -3.94 7.45
N TYR A 314 -3.97 -4.25 8.17
CA TYR A 314 -3.81 -4.80 9.52
C TYR A 314 -3.34 -6.25 9.48
N GLN A 315 -3.85 -7.07 8.59
CA GLN A 315 -3.43 -8.47 8.49
C GLN A 315 -1.93 -8.45 8.31
N GLN A 316 -1.41 -7.65 7.39
CA GLN A 316 0.04 -7.68 7.10
C GLN A 316 0.84 -7.06 8.22
N ALA A 317 0.30 -6.06 8.89
CA ALA A 317 1.01 -5.46 10.04
C ALA A 317 1.11 -6.54 11.12
N ALA A 318 0.05 -7.27 11.35
CA ALA A 318 0.01 -8.32 12.39
C ALA A 318 0.97 -9.40 12.05
N ALA A 319 1.32 -9.56 10.78
CA ALA A 319 2.23 -10.61 10.31
C ALA A 319 3.67 -10.11 10.36
N GLY A 320 3.92 -8.86 10.68
CA GLY A 320 5.25 -8.26 10.83
C GLY A 320 5.75 -7.54 9.60
N SER A 321 4.86 -7.20 8.67
CA SER A 321 5.28 -6.36 7.52
C SER A 321 5.68 -4.96 7.98
N THR A 322 6.67 -4.35 7.37
CA THR A 322 7.06 -2.99 7.71
C THR A 322 6.18 -1.96 7.03
N GLY A 323 5.37 -2.34 6.06
CA GLY A 323 4.51 -1.35 5.39
C GLY A 323 3.95 -1.83 4.09
N ILE A 324 3.26 -0.93 3.45
CA ILE A 324 2.43 -1.26 2.30
C ILE A 324 2.41 -0.11 1.33
N ASN A 325 2.19 -0.42 0.06
CA ASN A 325 2.09 0.61 -0.96
C ASN A 325 1.02 0.19 -1.95
N PHE A 326 -0.17 0.78 -1.86
CA PHE A 326 -1.26 0.45 -2.75
C PHE A 326 -1.03 1.12 -4.09
N HIS A 327 -0.98 0.35 -5.14
CA HIS A 327 -0.74 0.88 -6.49
C HIS A 327 -1.94 1.67 -6.97
N GLY A 328 -1.68 2.62 -7.82
CA GLY A 328 -2.74 3.52 -8.26
C GLY A 328 -2.19 4.55 -9.20
N GLY A 329 -2.93 5.64 -9.30
CA GLY A 329 -2.67 6.75 -10.20
C GLY A 329 -3.72 6.83 -11.27
N GLY A 330 -3.66 7.91 -12.01
CA GLY A 330 -4.61 8.22 -13.07
C GLY A 330 -6.01 8.14 -12.52
N TYR A 331 -6.85 7.42 -13.23
CA TYR A 331 -8.20 7.10 -12.83
C TYR A 331 -8.34 5.60 -12.79
N GLY A 332 -7.26 4.91 -12.43
CA GLY A 332 -7.28 3.45 -12.45
C GLY A 332 -8.41 2.93 -11.58
N TRP A 333 -9.01 1.82 -11.98
CA TRP A 333 -10.11 1.25 -11.20
C TRP A 333 -9.73 1.12 -9.73
N TYR A 334 -8.51 0.67 -9.42
CA TYR A 334 -8.17 0.42 -8.01
C TYR A 334 -7.47 1.59 -7.33
N THR A 335 -7.34 2.74 -7.96
CA THR A 335 -6.50 3.78 -7.35
C THR A 335 -7.13 4.30 -6.07
N PRO A 336 -6.37 4.48 -4.99
CA PRO A 336 -6.88 5.14 -3.80
C PRO A 336 -7.30 6.58 -4.09
N VAL A 337 -6.44 7.28 -4.82
CA VAL A 337 -6.71 8.70 -5.15
C VAL A 337 -6.72 8.78 -6.65
N ALA A 338 -7.75 9.39 -7.22
CA ALA A 338 -7.91 9.59 -8.66
C ALA A 338 -7.78 11.07 -8.98
N GLY A 339 -7.30 11.36 -10.18
CA GLY A 339 -7.43 12.74 -10.67
C GLY A 339 -6.14 13.26 -11.25
N THR A 340 -6.11 14.56 -11.48
CA THR A 340 -5.01 15.23 -12.20
C THR A 340 -4.86 16.58 -11.58
N PRO A 341 -3.69 17.24 -11.75
CA PRO A 341 -3.54 18.59 -11.24
C PRO A 341 -4.50 19.59 -11.87
N GLU A 342 -4.86 19.38 -13.11
CA GLU A 342 -5.74 20.33 -13.87
C GLU A 342 -7.20 20.12 -13.43
N ASP A 343 -7.61 18.87 -13.22
CA ASP A 343 -9.03 18.55 -12.98
C ASP A 343 -9.33 18.38 -11.51
N GLY A 344 -8.32 18.19 -10.70
CA GLY A 344 -8.52 17.92 -9.28
C GLY A 344 -8.45 16.45 -8.96
N PHE A 345 -8.30 16.18 -7.69
CA PHE A 345 -8.15 14.82 -7.15
C PHE A 345 -9.31 14.50 -6.23
N ILE A 346 -9.63 13.21 -6.18
CA ILE A 346 -10.76 12.69 -5.39
C ILE A 346 -10.34 11.42 -4.68
N ALA A 347 -10.85 11.20 -3.49
CA ALA A 347 -10.62 9.90 -2.81
C ALA A 347 -11.62 8.88 -3.37
N ARG A 348 -11.13 7.75 -3.81
CA ARG A 348 -11.94 6.60 -4.24
C ARG A 348 -12.29 5.76 -3.04
N PRO A 349 -13.18 4.77 -3.20
CA PRO A 349 -13.60 3.98 -2.04
C PRO A 349 -12.42 3.34 -1.29
N GLU A 350 -11.46 2.77 -2.00
CA GLU A 350 -10.34 2.11 -1.29
C GLU A 350 -9.68 3.05 -0.30
N TYR A 351 -9.56 4.31 -0.61
CA TYR A 351 -8.92 5.32 0.25
C TYR A 351 -9.53 5.29 1.64
N TYR A 352 -10.81 5.06 1.77
CA TYR A 352 -11.51 5.12 3.05
C TYR A 352 -11.03 3.97 3.94
N GLY A 353 -10.68 2.82 3.41
CA GLY A 353 -10.09 1.76 4.24
C GLY A 353 -8.78 2.22 4.77
N MET A 354 -7.96 2.82 3.92
CA MET A 354 -6.68 3.37 4.36
C MET A 354 -6.88 4.48 5.37
N LEU A 355 -7.92 5.28 5.24
CA LEU A 355 -8.22 6.38 6.19
C LEU A 355 -8.55 5.80 7.56
N LEU A 356 -9.27 4.69 7.60
CA LEU A 356 -9.58 4.07 8.92
C LEU A 356 -8.26 3.75 9.62
N PHE A 357 -7.34 3.12 8.89
CA PHE A 357 -6.01 2.76 9.44
C PHE A 357 -5.30 4.02 9.89
N ALA A 358 -5.36 5.08 9.11
CA ALA A 358 -4.66 6.34 9.44
C ALA A 358 -5.21 6.89 10.76
N GLN A 359 -6.51 6.83 10.95
CA GLN A 359 -7.18 7.43 12.13
C GLN A 359 -6.86 6.59 13.33
N ALA A 360 -6.70 5.31 13.18
CA ALA A 360 -6.32 4.45 14.30
C ALA A 360 -4.96 4.84 14.79
N GLY A 361 -4.02 5.11 13.89
CA GLY A 361 -2.67 5.46 14.30
C GLY A 361 -1.82 4.26 14.60
N ALA A 362 -0.59 4.50 14.97
CA ALA A 362 0.37 3.46 15.25
C ALA A 362 0.23 3.00 16.69
N GLY A 363 0.95 1.93 16.95
CA GLY A 363 0.98 1.35 18.29
C GLY A 363 1.27 -0.10 18.16
N GLN A 364 1.00 -0.85 19.21
CA GLN A 364 1.36 -2.26 19.27
C GLN A 364 0.09 -3.07 19.16
N LEU A 365 0.05 -4.04 18.24
CA LEU A 365 -1.14 -4.90 18.10
C LEU A 365 -1.22 -5.81 19.32
N LEU A 366 -2.43 -6.15 19.67
CA LEU A 366 -2.78 -6.98 20.86
C LEU A 366 -3.63 -8.15 20.42
N GLY A 367 -3.66 -9.18 21.21
CA GLY A 367 -4.54 -10.32 20.95
C GLY A 367 -5.98 -9.87 20.91
N ALA A 368 -6.71 -10.34 19.91
CA ALA A 368 -8.12 -10.02 19.72
C ALA A 368 -8.74 -11.27 19.09
N LYS A 369 -9.35 -12.09 19.92
CA LYS A 369 -9.86 -13.40 19.49
C LYS A 369 -11.37 -13.31 19.33
N LEU A 370 -11.86 -13.77 18.19
CA LEU A 370 -13.29 -13.87 17.88
C LEU A 370 -13.78 -15.27 18.20
N THR A 371 -14.96 -15.34 18.79
CA THR A 371 -15.66 -16.60 19.11
C THR A 371 -17.10 -16.51 18.65
N ASP A 372 -17.75 -17.68 18.53
CA ASP A 372 -19.19 -17.81 18.17
C ASP A 372 -19.41 -17.16 16.81
N ASN A 373 -18.40 -17.21 15.95
CA ASN A 373 -18.35 -16.39 14.72
C ASN A 373 -18.41 -17.24 13.46
N SER A 374 -18.71 -18.54 13.53
CA SER A 374 -18.72 -19.40 12.32
C SER A 374 -19.83 -18.96 11.35
N ALA A 375 -20.90 -18.31 11.81
CA ALA A 375 -21.95 -17.81 10.91
C ALA A 375 -21.61 -16.40 10.38
N ALA A 376 -20.50 -15.83 10.83
CA ALA A 376 -20.06 -14.48 10.39
C ALA A 376 -18.55 -14.55 10.19
N PRO A 377 -18.10 -15.51 9.37
CA PRO A 377 -16.68 -15.88 9.38
C PRO A 377 -15.74 -14.84 8.74
N LEU A 378 -16.28 -13.88 8.01
CA LEU A 378 -15.43 -12.89 7.32
C LEU A 378 -15.32 -11.63 8.16
N LEU A 379 -15.82 -11.61 9.38
CA LEU A 379 -15.52 -10.50 10.32
C LEU A 379 -14.09 -10.66 10.80
N THR A 380 -13.33 -9.61 10.68
CA THR A 380 -11.97 -9.53 11.25
C THR A 380 -11.93 -8.41 12.26
N ALA A 381 -11.00 -8.53 13.21
CA ALA A 381 -10.82 -7.53 14.23
C ALA A 381 -9.37 -7.46 14.64
N TYR A 382 -8.93 -6.26 14.92
CA TYR A 382 -7.55 -6.02 15.34
C TYR A 382 -7.59 -5.05 16.48
N ALA A 383 -6.89 -5.37 17.56
CA ALA A 383 -6.78 -4.47 18.71
C ALA A 383 -5.37 -3.90 18.78
N LEU A 384 -5.31 -2.66 19.21
CA LEU A 384 -4.07 -1.87 19.16
C LEU A 384 -3.93 -1.10 20.46
N ARG A 385 -2.79 -1.16 21.11
CA ARG A 385 -2.43 -0.18 22.13
C ARG A 385 -1.75 0.99 21.43
N GLY A 386 -2.46 2.08 21.30
CA GLY A 386 -1.95 3.25 20.57
C GLY A 386 -0.74 3.83 21.22
N THR A 387 0.07 4.51 20.42
CA THR A 387 1.25 5.22 20.97
C THR A 387 0.78 6.22 22.02
N ASP A 388 -0.45 6.75 21.96
CA ASP A 388 -0.97 7.71 22.97
C ASP A 388 -1.51 6.95 24.19
N GLY A 389 -1.34 5.63 24.27
CA GLY A 389 -1.76 4.79 25.42
C GLY A 389 -3.19 4.32 25.31
N ARG A 390 -4.02 4.80 24.36
CA ARG A 390 -5.45 4.41 24.28
C ARG A 390 -5.61 3.14 23.45
N THR A 391 -6.51 2.27 23.86
CA THR A 391 -6.83 1.05 23.12
C THR A 391 -7.75 1.43 21.97
N ARG A 392 -7.45 0.88 20.81
CA ARG A 392 -8.33 0.96 19.63
C ARG A 392 -8.60 -0.42 19.11
N ILE A 393 -9.73 -0.58 18.46
CA ILE A 393 -10.10 -1.83 17.78
C ILE A 393 -10.59 -1.46 16.38
N ALA A 394 -9.97 -2.05 15.36
CA ALA A 394 -10.44 -1.94 13.97
C ALA A 394 -11.17 -3.22 13.62
N LEU A 395 -12.41 -3.09 13.18
CA LEU A 395 -13.21 -4.26 12.79
C LEU A 395 -13.64 -4.09 11.36
N PHE A 396 -13.57 -5.17 10.62
CA PHE A 396 -14.09 -5.23 9.25
C PHE A 396 -15.10 -6.33 9.17
N ASN A 397 -16.37 -5.92 9.11
CA ASN A 397 -17.43 -6.92 8.90
C ASN A 397 -17.53 -7.16 7.40
N LYS A 398 -16.70 -8.05 6.88
N LYS A 398 -16.70 -8.05 6.88
CA LYS A 398 -16.64 -8.33 5.43
CA LYS A 398 -16.63 -8.33 5.43
C LYS A 398 -17.70 -9.35 5.04
C LYS A 398 -17.70 -9.35 5.04
N ASN A 399 -18.52 -9.78 6.00
CA ASN A 399 -19.67 -10.64 5.66
C ASN A 399 -20.66 -9.81 4.85
N LEU A 400 -20.97 -10.26 3.64
CA LEU A 400 -21.84 -9.48 2.76
C LEU A 400 -23.30 -9.62 3.15
N ASP A 401 -23.64 -10.63 3.91
CA ASP A 401 -25.08 -10.81 4.20
C ASP A 401 -25.35 -10.92 5.68
N ALA A 402 -24.37 -10.79 6.56
CA ALA A 402 -24.60 -11.00 8.02
C ALA A 402 -24.25 -9.73 8.76
N ASP A 403 -25.20 -9.14 9.46
CA ASP A 403 -24.93 -8.12 10.50
C ASP A 403 -24.31 -8.84 11.69
N VAL A 404 -23.56 -8.14 12.50
CA VAL A 404 -22.95 -8.77 13.68
C VAL A 404 -23.21 -7.91 14.90
N GLU A 405 -23.21 -8.58 16.02
CA GLU A 405 -23.30 -7.94 17.33
C GLU A 405 -22.13 -8.48 18.12
N VAL A 406 -21.19 -7.61 18.38
CA VAL A 406 -19.90 -7.99 18.97
C VAL A 406 -19.88 -7.65 20.45
N ALA A 407 -19.78 -8.69 21.28
CA ALA A 407 -19.56 -8.55 22.73
C ALA A 407 -18.06 -8.49 22.99
N ILE A 408 -17.63 -7.32 23.38
CA ILE A 408 -16.18 -7.03 23.54
C ILE A 408 -15.83 -7.14 25.01
N SER A 409 -14.94 -8.06 25.28
CA SER A 409 -14.36 -8.25 26.64
C SER A 409 -12.88 -7.89 26.59
N GLY A 410 -12.31 -7.60 27.74
CA GLY A 410 -10.88 -7.40 27.88
C GLY A 410 -10.47 -5.96 27.81
N VAL A 411 -11.42 -5.05 27.68
CA VAL A 411 -11.17 -3.60 27.67
C VAL A 411 -11.84 -2.96 28.88
N ALA A 412 -11.08 -2.26 29.70
CA ALA A 412 -11.57 -1.52 30.86
C ALA A 412 -11.45 -0.06 30.53
N SER A 413 -12.55 0.60 30.22
CA SER A 413 -12.56 2.02 29.87
C SER A 413 -13.90 2.61 30.29
N PRO A 414 -13.93 3.88 30.69
CA PRO A 414 -15.22 4.51 30.97
C PRO A 414 -16.01 4.90 29.72
N SER A 415 -15.37 4.93 28.54
CA SER A 415 -16.03 5.49 27.35
C SER A 415 -15.37 4.97 26.07
N GLY A 416 -16.19 4.40 25.21
CA GLY A 416 -15.74 4.00 23.86
C GLY A 416 -16.56 4.71 22.82
N THR A 417 -15.86 5.16 21.78
CA THR A 417 -16.56 5.76 20.60
C THR A 417 -16.26 4.92 19.37
N VAL A 418 -17.15 5.03 18.40
CA VAL A 418 -17.00 4.28 17.15
C VAL A 418 -17.10 5.28 16.02
N LEU A 419 -16.22 5.10 15.05
CA LEU A 419 -16.30 5.72 13.74
C LEU A 419 -16.60 4.61 12.76
N ARG A 420 -17.61 4.76 11.94
CA ARG A 420 -18.07 3.70 11.03
C ARG A 420 -17.57 3.97 9.62
N LEU A 421 -17.19 2.93 8.95
CA LEU A 421 -16.80 2.90 7.52
C LEU A 421 -17.96 2.24 6.78
N GLU A 422 -18.64 3.05 5.97
CA GLU A 422 -19.98 2.67 5.51
C GLU A 422 -20.19 3.01 4.04
N ALA A 423 -21.01 2.20 3.39
CA ALA A 423 -21.61 2.51 2.11
C ALA A 423 -22.92 1.75 2.05
N PRO A 424 -23.90 2.18 1.25
CA PRO A 424 -25.19 1.53 1.28
C PRO A 424 -25.18 0.14 0.64
N ARG A 425 -24.19 -0.15 -0.19
CA ARG A 425 -24.06 -1.48 -0.80
C ARG A 425 -22.58 -1.74 -1.04
N ALA A 426 -22.24 -3.01 -1.03
CA ALA A 426 -20.83 -3.43 -1.04
C ALA A 426 -20.19 -3.08 -2.36
N ASP A 427 -20.97 -2.98 -3.43
CA ASP A 427 -20.44 -2.71 -4.77
C ASP A 427 -20.65 -1.23 -5.09
N ASP A 428 -20.88 -0.38 -4.11
CA ASP A 428 -21.02 1.06 -4.40
C ASP A 428 -19.70 1.62 -4.88
N THR A 429 -19.78 2.54 -5.82
CA THR A 429 -18.58 3.27 -6.31
C THR A 429 -18.47 4.64 -5.71
N THR A 430 -19.47 5.01 -4.95
CA THR A 430 -19.57 6.28 -4.28
C THR A 430 -20.37 5.97 -3.00
N ASP A 431 -20.82 7.01 -2.41
CA ASP A 431 -21.65 6.98 -1.21
C ASP A 431 -20.86 6.38 -0.04
N VAL A 432 -19.55 6.49 -0.08
CA VAL A 432 -18.71 5.93 1.00
C VAL A 432 -18.43 7.04 1.99
N THR A 433 -18.57 6.71 3.26
CA THR A 433 -18.24 7.64 4.34
C THR A 433 -17.44 6.95 5.42
N PHE A 434 -16.76 7.77 6.17
CA PHE A 434 -16.05 7.27 7.37
C PHE A 434 -16.31 8.30 8.45
N GLY A 435 -16.79 7.83 9.60
CA GLY A 435 -17.14 8.77 10.69
C GLY A 435 -18.25 9.73 10.28
N GLY A 436 -19.14 9.26 9.41
CA GLY A 436 -20.31 10.04 9.00
C GLY A 436 -19.95 11.15 8.03
N ALA A 437 -18.81 11.09 7.35
CA ALA A 437 -18.44 12.16 6.42
C ALA A 437 -17.67 11.58 5.26
N PRO A 438 -17.87 12.11 4.06
CA PRO A 438 -16.95 11.82 2.97
C PRO A 438 -15.65 12.59 3.20
N VAL A 439 -14.62 12.17 2.47
CA VAL A 439 -13.38 12.94 2.30
C VAL A 439 -13.67 14.04 1.28
N GLY A 440 -13.19 15.22 1.56
CA GLY A 440 -13.43 16.35 0.67
C GLY A 440 -12.23 16.61 -0.21
N ALA A 441 -12.10 17.83 -0.60
CA ALA A 441 -11.02 18.24 -1.49
C ALA A 441 -9.71 18.17 -0.71
N SER A 442 -8.65 17.80 -1.43
CA SER A 442 -7.28 17.88 -0.90
C SER A 442 -7.14 17.00 0.33
N GLY A 443 -7.93 15.94 0.44
CA GLY A 443 -7.78 15.03 1.57
C GLY A 443 -8.45 15.54 2.82
N SER A 444 -9.23 16.62 2.75
CA SER A 444 -9.87 17.15 3.97
C SER A 444 -10.86 16.13 4.54
N TRP A 445 -10.74 15.82 5.80
CA TRP A 445 -11.66 14.88 6.45
C TRP A 445 -11.66 15.18 7.92
N SER A 446 -12.85 15.13 8.49
CA SER A 446 -13.01 15.13 9.95
C SER A 446 -14.30 14.38 10.22
N PRO A 447 -14.41 13.70 11.35
CA PRO A 447 -15.65 12.97 11.64
C PRO A 447 -16.79 13.94 11.95
N LEU A 448 -17.98 13.56 11.49
CA LEU A 448 -19.18 14.39 11.74
C LEU A 448 -20.21 13.67 12.60
N VAL A 449 -20.05 12.40 12.87
CA VAL A 449 -21.04 11.65 13.69
C VAL A 449 -20.35 11.10 14.93
N GLN A 450 -20.82 11.41 16.16
CA GLN A 450 -20.27 10.87 17.42
C GLN A 450 -21.20 9.71 17.86
N GLU A 451 -20.64 8.51 18.05
CA GLU A 451 -21.47 7.38 18.51
C GLU A 451 -20.65 6.75 19.61
N TYR A 452 -21.28 6.61 20.77
CA TYR A 452 -20.67 5.85 21.88
C TYR A 452 -21.04 4.40 21.72
N VAL A 453 -20.17 3.52 22.21
CA VAL A 453 -20.43 2.07 22.18
C VAL A 453 -20.99 1.74 23.56
N PRO A 454 -22.20 1.17 23.68
CA PRO A 454 -22.72 0.88 25.01
C PRO A 454 -21.83 -0.08 25.78
N GLY A 455 -21.60 0.28 27.05
CA GLY A 455 -20.78 -0.49 27.99
C GLY A 455 -21.60 -0.91 29.19
N HIS A 456 -21.42 -2.15 29.64
CA HIS A 456 -22.04 -2.69 30.88
C HIS A 456 -21.24 -3.92 31.34
N SER A 457 -21.07 -4.10 32.64
CA SER A 457 -20.35 -5.27 33.22
C SER A 457 -18.93 -5.37 32.65
N GLY A 458 -18.25 -4.25 32.41
CA GLY A 458 -16.83 -4.22 31.95
C GLY A 458 -16.68 -4.57 30.48
N GLN A 459 -17.79 -4.70 29.77
CA GLN A 459 -17.87 -5.15 28.38
C GLN A 459 -18.55 -4.08 27.56
N PHE A 460 -18.44 -4.21 26.27
CA PHE A 460 -19.07 -3.28 25.32
C PHE A 460 -19.78 -4.15 24.32
N VAL A 461 -20.80 -3.57 23.71
CA VAL A 461 -21.54 -4.27 22.64
C VAL A 461 -21.64 -3.35 21.44
N LEU A 462 -21.05 -3.81 20.34
CA LEU A 462 -21.04 -3.08 19.07
C LEU A 462 -21.84 -3.83 18.03
N HIS A 463 -22.81 -3.15 17.45
CA HIS A 463 -23.50 -3.66 16.25
C HIS A 463 -22.72 -3.18 15.03
N MET A 464 -22.63 -4.04 14.05
CA MET A 464 -22.14 -3.64 12.70
C MET A 464 -23.04 -4.21 11.63
N ARG A 465 -23.42 -3.38 10.68
CA ARG A 465 -24.15 -3.85 9.52
C ARG A 465 -23.25 -4.77 8.69
N LYS A 466 -23.83 -5.66 7.95
CA LYS A 466 -23.14 -6.40 6.90
C LYS A 466 -22.32 -5.41 6.06
N ALA A 467 -21.17 -5.86 5.63
CA ALA A 467 -20.30 -5.09 4.71
C ALA A 467 -20.10 -3.70 5.26
N SER A 468 -19.46 -3.60 6.41
CA SER A 468 -19.11 -2.32 7.05
C SER A 468 -17.84 -2.47 7.85
N GLY A 469 -17.27 -1.36 8.23
CA GLY A 469 -16.11 -1.35 9.13
C GLY A 469 -16.33 -0.44 10.29
N ALA A 470 -15.49 -0.56 11.27
CA ALA A 470 -15.58 0.28 12.46
C ALA A 470 -14.23 0.50 13.08
N LEU A 471 -14.04 1.67 13.63
CA LEU A 471 -12.87 1.94 14.47
C LEU A 471 -13.40 2.35 15.81
N LEU A 472 -12.96 1.66 16.82
CA LEU A 472 -13.35 1.98 18.20
C LEU A 472 -12.13 2.58 18.88
N GLU A 473 -12.39 3.58 19.69
CA GLU A 473 -11.36 4.22 20.50
C GLU A 473 -11.89 4.26 21.93
N PHE A 474 -11.06 3.83 22.87
CA PHE A 474 -11.46 3.77 24.29
C PHE A 474 -10.67 4.81 25.06
N ALA A 475 -11.37 5.59 25.89
N ALA A 475 -12.16 6.59 26.93
CA ALA A 475 -10.74 6.54 26.82
CA ALA A 475 -10.84 7.18 27.31
C ALA A 475 -9.98 5.78 27.91
C ALA A 475 -9.95 6.11 27.92
C3 8I4 B . 2.04 -2.39 -12.32
C5 8I4 B . -0.05 -3.68 -11.74
C6 8I4 B . -1.37 -4.13 -12.27
O3 8I4 B . 2.73 -1.69 -13.36
O4 8I4 B . -0.09 -1.62 -13.07
C1 8I4 B . 2.17 -4.27 -10.77
C2 8I4 B . 2.86 -3.64 -11.96
C4 8I4 B . 0.67 -2.82 -12.80
C7 8I4 B . 0.83 -4.81 -11.21
O2 8I4 B . 4.20 -3.32 -11.67
O6B 8I4 B . -2.40 -3.54 -11.90
O6A 8I4 B . -1.40 -5.04 -13.09
O7 8I4 B . 0.99 -5.80 -12.25
S SO4 C . -6.08 4.69 -16.58
O1 SO4 C . -5.13 4.48 -17.68
O2 SO4 C . -5.80 3.69 -15.53
O3 SO4 C . -5.95 6.07 -16.05
O4 SO4 C . -7.44 4.44 -17.10
#